data_3GUX
#
_entry.id   3GUX
#
_cell.length_a   42.620
_cell.length_b   49.060
_cell.length_c   281.360
_cell.angle_alpha   90.00
_cell.angle_beta   90.00
_cell.angle_gamma   90.00
#
_symmetry.space_group_name_H-M   'P 21 21 21'
#
loop_
_entity.id
_entity.type
_entity.pdbx_description
1 polymer 'putative Zn-dependent exopeptidase'
2 non-polymer 'ACETATE ION'
3 non-polymer 1,2-ETHANEDIOL
4 water water
#
_entity_poly.entity_id   1
_entity_poly.type   'polypeptide(L)'
_entity_poly.pdbx_seq_one_letter_code
;GGNSKSRNDRTETVDKEVIKAPEFDADSAYQYIQVQADFGPRVPNTQAHKECGEYLAGQLEKFGAKVYNQYADLIAYDGT
ILKSRNIIGAYKPESKKRILLCAHWDSRPYADNDPDPKNHHTPILGVNDGASGVGVLLEIARQIQKEQPALGIDIVFFDS
EDYGIPEFYDGKYKQDTWCLGSQYWARTPHVQNYNARYGILLD(MSE)VGGKDATFYYEGYSARTARSE(MSE)KKIWKK
AHELGYGKYFVKEDGGETVDDHIYVNKLARIPCVDIINYDAGNPQSSFGSFWHTVNDT(MSE)ENIDRNTLKAVGQTV
(MSE)DVIYNEK
;
_entity_poly.pdbx_strand_id   A,B
#
loop_
_chem_comp.id
_chem_comp.type
_chem_comp.name
_chem_comp.formula
ACT non-polymer 'ACETATE ION' 'C2 H3 O2 -1'
EDO non-polymer 1,2-ETHANEDIOL 'C2 H6 O2'
#
# COMPACT_ATOMS: atom_id res chain seq x y z
N GLU A 17 11.58 27.67 28.41
CA GLU A 17 12.99 27.83 28.00
C GLU A 17 13.39 26.63 27.17
N VAL A 18 14.62 26.66 26.64
CA VAL A 18 15.16 25.60 25.80
C VAL A 18 16.23 24.77 26.55
N ILE A 19 16.13 23.44 26.45
CA ILE A 19 17.06 22.47 27.02
C ILE A 19 18.14 22.15 26.00
N LYS A 20 19.41 22.05 26.44
CA LYS A 20 20.50 21.61 25.56
C LYS A 20 20.58 20.13 25.81
N ALA A 21 20.52 19.34 24.74
CA ALA A 21 20.49 17.89 24.85
C ALA A 21 21.89 17.38 25.15
N PRO A 22 22.00 16.13 25.66
CA PRO A 22 23.32 15.50 25.85
C PRO A 22 24.05 15.46 24.53
N GLU A 23 25.36 15.28 24.60
CA GLU A 23 26.18 15.27 23.40
C GLU A 23 26.09 13.96 22.63
N PHE A 24 25.70 14.07 21.36
CA PHE A 24 25.71 12.95 20.45
C PHE A 24 27.16 12.65 20.15
N ASP A 25 27.56 11.39 20.25
CA ASP A 25 28.96 10.97 19.97
C ASP A 25 29.05 10.45 18.54
N ALA A 26 29.58 11.30 17.66
CA ALA A 26 29.71 10.95 16.25
C ALA A 26 30.68 9.79 15.98
N ASP A 27 31.72 9.61 16.79
N ASP A 27 31.72 9.61 16.81
CA ASP A 27 32.61 8.45 16.57
CA ASP A 27 32.62 8.44 16.66
C ASP A 27 31.90 7.14 16.94
C ASP A 27 31.85 7.16 16.90
N SER A 28 31.04 7.19 17.94
CA SER A 28 30.22 6.04 18.31
C SER A 28 29.27 5.70 17.14
N ALA A 29 28.57 6.69 16.58
CA ALA A 29 27.65 6.47 15.44
C ALA A 29 28.45 5.91 14.26
N TYR A 30 29.63 6.47 14.01
CA TYR A 30 30.52 6.00 12.93
C TYR A 30 30.83 4.51 13.08
N GLN A 31 31.17 4.07 14.30
CA GLN A 31 31.42 2.66 14.52
C GLN A 31 30.22 1.73 14.30
N TYR A 32 29.02 2.21 14.68
CA TYR A 32 27.79 1.44 14.42
C TYR A 32 27.57 1.32 12.91
N ILE A 33 27.94 2.35 12.15
CA ILE A 33 27.86 2.27 10.72
C ILE A 33 28.86 1.24 10.19
N GLN A 34 30.10 1.30 10.68
CA GLN A 34 31.14 0.39 10.24
C GLN A 34 30.79 -1.09 10.55
N VAL A 35 30.20 -1.36 11.73
CA VAL A 35 29.81 -2.74 12.08
C VAL A 35 28.73 -3.29 11.15
N GLN A 36 27.82 -2.42 10.69
CA GLN A 36 26.80 -2.86 9.75
C GLN A 36 27.44 -3.16 8.41
N ALA A 37 28.31 -2.25 8.00
CA ALA A 37 29.01 -2.38 6.73
C ALA A 37 29.85 -3.65 6.71
N ASP A 38 30.39 -4.07 7.84
CA ASP A 38 31.25 -5.27 7.88
C ASP A 38 30.51 -6.56 7.64
N PHE A 39 29.17 -6.56 7.73
CA PHE A 39 28.43 -7.78 7.41
C PHE A 39 28.38 -8.00 5.93
N GLY A 40 28.77 -7.00 5.14
CA GLY A 40 28.60 -7.04 3.70
C GLY A 40 27.23 -6.40 3.45
N PRO A 41 26.81 -6.30 2.19
CA PRO A 41 25.49 -5.72 1.84
C PRO A 41 24.33 -6.48 2.49
N ARG A 42 23.44 -5.77 3.19
CA ARG A 42 22.32 -6.41 3.87
C ARG A 42 21.13 -6.59 2.89
N VAL A 43 21.35 -7.41 1.87
CA VAL A 43 20.34 -7.70 0.86
C VAL A 43 19.34 -8.69 1.45
N PRO A 44 18.03 -8.37 1.35
CA PRO A 44 16.96 -9.28 1.77
C PRO A 44 17.26 -10.71 1.35
N ASN A 45 16.92 -11.66 2.24
CA ASN A 45 17.13 -13.08 2.05
C ASN A 45 18.63 -13.50 2.00
N THR A 46 19.54 -12.74 2.62
CA THR A 46 20.94 -13.18 2.65
C THR A 46 21.39 -13.37 4.11
N GLN A 47 22.48 -14.11 4.27
CA GLN A 47 23.12 -14.36 5.57
C GLN A 47 23.57 -13.00 6.17
N ALA A 48 24.10 -12.11 5.32
CA ALA A 48 24.54 -10.79 5.82
C ALA A 48 23.38 -10.05 6.47
N HIS A 49 22.22 -10.09 5.81
CA HIS A 49 21.00 -9.43 6.29
C HIS A 49 20.50 -10.05 7.61
N LYS A 50 20.59 -11.35 7.70
CA LYS A 50 20.11 -12.03 8.90
C LYS A 50 20.92 -11.66 10.13
N GLU A 51 22.24 -11.77 9.97
CA GLU A 51 23.21 -11.46 11.01
C GLU A 51 23.09 -9.99 11.40
N CYS A 52 23.09 -9.10 10.42
CA CYS A 52 22.96 -7.69 10.77
C CYS A 52 21.66 -7.43 11.56
N GLY A 53 20.53 -8.02 11.17
CA GLY A 53 19.26 -7.87 11.93
C GLY A 53 19.37 -8.27 13.39
N GLU A 54 20.08 -9.37 13.62
CA GLU A 54 20.32 -9.85 14.98
C GLU A 54 21.16 -8.81 15.73
N TYR A 55 22.21 -8.29 15.08
CA TYR A 55 23.06 -7.25 15.68
C TYR A 55 22.25 -6.02 16.11
N LEU A 56 21.37 -5.54 15.24
CA LEU A 56 20.56 -4.36 15.52
C LEU A 56 19.54 -4.59 16.63
N ALA A 57 18.84 -5.73 16.59
CA ALA A 57 17.92 -6.07 17.66
C ALA A 57 18.67 -6.11 18.98
N GLY A 58 19.84 -6.76 18.97
CA GLY A 58 20.66 -6.89 20.17
C GLY A 58 21.08 -5.57 20.76
N GLN A 59 21.50 -4.67 19.89
CA GLN A 59 21.93 -3.35 20.35
C GLN A 59 20.78 -2.56 20.94
N LEU A 60 19.59 -2.58 20.31
CA LEU A 60 18.45 -1.86 20.89
C LEU A 60 18.08 -2.45 22.29
N GLU A 61 18.22 -3.78 22.46
CA GLU A 61 18.01 -4.44 23.75
C GLU A 61 19.10 -3.99 24.76
N LYS A 62 20.37 -4.07 24.32
CA LYS A 62 21.51 -3.63 25.15
C LYS A 62 21.31 -2.18 25.62
N PHE A 63 20.76 -1.33 24.75
CA PHE A 63 20.54 0.08 25.10
C PHE A 63 19.19 0.40 25.79
N GLY A 64 18.55 -0.59 26.42
CA GLY A 64 17.35 -0.35 27.22
C GLY A 64 16.00 -0.18 26.55
N ALA A 65 15.92 -0.27 25.22
CA ALA A 65 14.62 -0.13 24.55
C ALA A 65 13.78 -1.39 24.76
N LYS A 66 12.45 -1.26 24.79
CA LYS A 66 11.57 -2.45 24.74
C LYS A 66 11.63 -2.84 23.26
N VAL A 67 12.23 -4.00 22.96
CA VAL A 67 12.39 -4.50 21.59
C VAL A 67 11.16 -5.24 21.05
N TYR A 68 10.72 -4.86 19.87
CA TYR A 68 9.65 -5.57 19.19
C TYR A 68 10.20 -5.93 17.83
N ASN A 69 10.30 -7.25 17.55
CA ASN A 69 10.78 -7.77 16.28
C ASN A 69 9.54 -8.18 15.46
N GLN A 70 9.38 -7.62 14.26
CA GLN A 70 8.17 -7.80 13.41
C GLN A 70 8.47 -8.56 12.10
N TYR A 71 8.41 -9.89 12.18
CA TYR A 71 8.68 -10.76 11.02
C TYR A 71 7.52 -10.92 10.06
N ALA A 72 7.80 -10.84 8.76
CA ALA A 72 6.72 -10.91 7.75
C ALA A 72 7.24 -11.37 6.40
N ASP A 73 6.41 -12.10 5.66
CA ASP A 73 6.75 -12.50 4.30
C ASP A 73 6.24 -11.42 3.39
N LEU A 74 7.14 -10.62 2.83
CA LEU A 74 6.73 -9.55 1.94
C LEU A 74 7.10 -9.88 0.49
N ILE A 75 6.12 -9.84 -0.41
CA ILE A 75 6.33 -10.18 -1.83
C ILE A 75 6.83 -8.97 -2.59
N ALA A 76 8.02 -9.12 -3.16
CA ALA A 76 8.67 -8.10 -3.94
C ALA A 76 8.14 -8.05 -5.37
N TYR A 77 8.62 -7.06 -6.13
CA TYR A 77 8.15 -6.81 -7.51
C TYR A 77 8.29 -8.01 -8.44
N ASP A 78 9.31 -8.84 -8.23
CA ASP A 78 9.54 -9.96 -9.10
C ASP A 78 9.03 -11.27 -8.53
N GLY A 79 8.25 -11.23 -7.44
CA GLY A 79 7.69 -12.44 -6.87
C GLY A 79 8.50 -13.02 -5.75
N THR A 80 9.65 -12.43 -5.45
CA THR A 80 10.50 -12.91 -4.38
C THR A 80 9.81 -12.69 -3.05
N ILE A 81 9.71 -13.74 -2.25
CA ILE A 81 9.18 -13.67 -0.90
C ILE A 81 10.36 -13.27 0.02
N LEU A 82 10.37 -12.02 0.48
CA LEU A 82 11.41 -11.47 1.35
C LEU A 82 11.09 -11.84 2.79
N LYS A 83 12.00 -12.56 3.42
CA LYS A 83 11.87 -12.98 4.82
C LYS A 83 12.29 -11.73 5.60
N SER A 84 11.31 -10.85 5.74
CA SER A 84 11.50 -9.49 6.25
C SER A 84 11.47 -9.41 7.77
N ARG A 85 12.16 -8.42 8.31
CA ARG A 85 12.17 -8.20 9.75
C ARG A 85 12.25 -6.73 10.13
N ASN A 86 11.12 -6.11 10.45
CA ASN A 86 11.12 -4.73 10.95
C ASN A 86 11.52 -4.82 12.42
N ILE A 87 12.40 -3.92 12.90
CA ILE A 87 12.93 -3.94 14.28
C ILE A 87 12.52 -2.66 15.01
N ILE A 88 11.86 -2.75 16.16
CA ILE A 88 11.38 -1.56 16.85
C ILE A 88 11.88 -1.54 18.31
N GLY A 89 12.39 -0.38 18.74
CA GLY A 89 12.86 -0.16 20.11
C GLY A 89 12.09 1.01 20.72
N ALA A 90 11.34 0.74 21.79
CA ALA A 90 10.50 1.73 22.46
C ALA A 90 11.12 2.16 23.75
N TYR A 91 11.06 3.47 24.02
CA TYR A 91 11.49 4.06 25.28
C TYR A 91 10.28 4.70 25.93
N LYS A 92 10.20 4.56 27.25
CA LYS A 92 9.06 5.03 28.03
C LYS A 92 7.80 4.57 27.33
N PRO A 93 7.57 3.24 27.25
CA PRO A 93 6.34 2.77 26.58
C PRO A 93 5.04 3.21 27.27
N GLU A 94 5.13 3.65 28.53
CA GLU A 94 3.98 4.18 29.24
C GLU A 94 3.41 5.44 28.60
N SER A 95 4.28 6.30 28.07
CA SER A 95 3.87 7.61 27.54
C SER A 95 3.08 7.60 26.23
N LYS A 96 1.87 8.16 26.24
CA LYS A 96 1.07 8.33 25.02
C LYS A 96 1.71 9.46 24.18
N LYS A 97 2.39 10.41 24.84
CA LYS A 97 3.12 11.47 24.13
C LYS A 97 4.45 10.88 23.60
N ARG A 98 4.61 10.76 22.27
CA ARG A 98 5.83 10.16 21.67
C ARG A 98 6.33 10.79 20.37
N ILE A 99 7.63 10.61 20.09
CA ILE A 99 8.23 11.02 18.81
C ILE A 99 8.75 9.75 18.14
N LEU A 100 8.45 9.59 16.86
CA LEU A 100 8.94 8.42 16.11
C LEU A 100 10.24 8.79 15.43
N LEU A 101 11.24 7.91 15.52
CA LEU A 101 12.49 8.08 14.82
C LEU A 101 12.68 6.82 13.99
N CYS A 102 12.98 6.95 12.71
CA CYS A 102 13.12 5.78 11.86
C CYS A 102 14.14 5.91 10.73
N ALA A 103 14.46 4.74 10.16
CA ALA A 103 15.45 4.55 9.12
C ALA A 103 15.26 3.14 8.56
N HIS A 104 15.66 2.90 7.33
CA HIS A 104 15.69 1.56 6.80
C HIS A 104 17.06 0.93 6.94
N TRP A 105 17.12 -0.37 7.17
CA TRP A 105 18.37 -1.04 7.45
C TRP A 105 18.90 -1.98 6.40
N ASP A 106 18.10 -2.34 5.41
CA ASP A 106 18.55 -3.21 4.33
C ASP A 106 19.41 -2.42 3.31
N SER A 107 20.11 -3.16 2.46
CA SER A 107 20.95 -2.63 1.38
C SER A 107 20.39 -3.08 0.07
N ARG A 108 20.72 -2.34 -0.96
CA ARG A 108 20.18 -2.57 -2.30
C ARG A 108 20.94 -3.74 -2.94
N PRO A 109 20.21 -4.62 -3.70
CA PRO A 109 20.83 -5.76 -4.40
C PRO A 109 21.99 -5.38 -5.34
N GLY A 130 21.30 2.94 3.87
CA GLY A 130 20.73 2.22 5.03
C GLY A 130 21.42 2.51 6.39
N ALA A 131 22.70 2.10 6.41
CA ALA A 131 23.56 2.11 7.55
C ALA A 131 23.63 3.45 8.30
N SER A 132 23.73 4.55 7.57
CA SER A 132 23.98 5.86 8.20
C SER A 132 22.83 6.28 9.08
N GLY A 133 21.60 6.16 8.59
CA GLY A 133 20.44 6.52 9.40
C GLY A 133 20.35 5.61 10.61
N VAL A 134 20.54 4.31 10.40
CA VAL A 134 20.49 3.35 11.50
C VAL A 134 21.57 3.65 12.56
N GLY A 135 22.78 3.91 12.08
CA GLY A 135 23.88 4.22 12.98
C GLY A 135 23.65 5.43 13.87
N VAL A 136 23.12 6.49 13.29
CA VAL A 136 22.80 7.68 14.05
C VAL A 136 21.72 7.35 15.11
N LEU A 137 20.71 6.58 14.73
CA LEU A 137 19.65 6.22 15.67
C LEU A 137 20.11 5.32 16.82
N LEU A 138 21.06 4.42 16.56
CA LEU A 138 21.62 3.57 17.62
C LEU A 138 22.33 4.46 18.62
N GLU A 139 23.09 5.43 18.15
CA GLU A 139 23.78 6.36 19.05
C GLU A 139 22.75 7.18 19.82
N ILE A 140 21.66 7.60 19.17
CA ILE A 140 20.58 8.31 19.91
C ILE A 140 19.96 7.38 20.99
N ALA A 141 19.80 6.10 20.67
CA ALA A 141 19.29 5.09 21.61
C ALA A 141 20.17 5.03 22.87
N ARG A 142 21.48 4.93 22.64
CA ARG A 142 22.46 4.84 23.70
C ARG A 142 22.36 6.06 24.64
N GLN A 143 22.17 7.25 24.06
CA GLN A 143 22.04 8.48 24.81
C GLN A 143 20.72 8.50 25.58
N ILE A 144 19.66 7.95 24.96
CA ILE A 144 18.35 7.88 25.63
C ILE A 144 18.53 7.03 26.88
N GLN A 145 19.25 5.92 26.75
CA GLN A 145 19.55 5.08 27.90
C GLN A 145 20.23 5.90 29.00
N LYS A 146 21.25 6.69 28.66
CA LYS A 146 21.96 7.48 29.69
C LYS A 146 21.05 8.55 30.31
N GLU A 147 20.30 9.27 29.48
CA GLU A 147 19.38 10.31 29.98
C GLU A 147 18.14 10.37 29.09
N GLN A 148 17.00 9.95 29.63
CA GLN A 148 15.75 9.87 28.84
C GLN A 148 15.06 11.22 28.69
N PRO A 149 14.61 11.56 27.47
CA PRO A 149 13.85 12.81 27.31
C PRO A 149 12.44 12.69 27.89
N ALA A 150 11.68 13.78 27.89
CA ALA A 150 10.35 13.82 28.51
C ALA A 150 9.36 12.91 27.82
N LEU A 151 9.26 13.03 26.49
CA LEU A 151 8.37 12.18 25.69
C LEU A 151 8.96 10.80 25.49
N GLY A 152 8.10 9.84 25.16
CA GLY A 152 8.55 8.49 24.80
C GLY A 152 9.15 8.55 23.41
N ILE A 153 10.21 7.79 23.16
CA ILE A 153 10.83 7.74 21.83
C ILE A 153 10.70 6.31 21.30
N ASP A 154 10.37 6.20 20.01
CA ASP A 154 10.38 4.93 19.31
C ASP A 154 11.42 5.00 18.21
N ILE A 155 12.31 4.01 18.20
CA ILE A 155 13.32 3.84 17.16
C ILE A 155 12.81 2.63 16.32
N VAL A 156 12.51 2.85 15.04
CA VAL A 156 12.05 1.78 14.17
C VAL A 156 12.95 1.62 12.95
N PHE A 157 13.52 0.43 12.77
CA PHE A 157 14.30 0.13 11.60
C PHE A 157 13.43 -0.68 10.65
N PHE A 158 13.12 -0.07 9.50
CA PHE A 158 12.32 -0.68 8.46
C PHE A 158 13.17 -1.56 7.57
N ASP A 159 12.63 -2.73 7.23
CA ASP A 159 13.28 -3.63 6.31
C ASP A 159 12.65 -3.49 4.91
N SER A 160 13.26 -4.15 3.93
CA SER A 160 12.68 -4.28 2.58
C SER A 160 12.30 -3.00 1.89
N GLU A 161 13.19 -2.04 2.00
CA GLU A 161 12.87 -0.71 1.54
C GLU A 161 13.34 -0.52 0.12
N ASP A 162 14.43 -1.17 -0.23
CA ASP A 162 15.19 -0.87 -1.44
C ASP A 162 15.28 -2.00 -2.44
N TYR A 163 14.23 -2.79 -2.56
CA TYR A 163 14.25 -3.96 -3.41
C TYR A 163 13.27 -3.73 -4.50
N GLN A 175 5.37 3.17 -8.36
CA GLN A 175 6.31 3.30 -7.24
C GLN A 175 6.07 2.37 -6.02
N ASP A 176 4.83 1.91 -5.75
CA ASP A 176 4.46 1.06 -4.53
C ASP A 176 5.26 -0.26 -4.18
N THR A 177 6.31 -0.65 -4.94
CA THR A 177 7.17 -1.84 -4.63
C THR A 177 8.45 -1.54 -3.77
N TRP A 178 8.70 -0.26 -3.51
CA TRP A 178 9.71 0.19 -2.61
C TRP A 178 9.01 0.23 -1.27
N CYS A 179 9.77 0.41 -0.21
CA CYS A 179 9.25 0.62 1.15
C CYS A 179 8.26 -0.42 1.61
N LEU A 180 8.58 -1.70 1.42
CA LEU A 180 7.65 -2.75 1.77
C LEU A 180 7.53 -2.92 3.27
N GLY A 181 8.63 -2.72 4.00
CA GLY A 181 8.60 -2.85 5.46
C GLY A 181 7.79 -1.76 6.12
N SER A 182 7.97 -0.53 5.66
CA SER A 182 7.22 0.60 6.25
C SER A 182 5.75 0.54 5.81
N GLN A 183 5.49 0.13 4.57
CA GLN A 183 4.09 -0.08 4.13
C GLN A 183 3.46 -1.07 5.07
N TYR A 184 4.19 -2.15 5.36
CA TYR A 184 3.70 -3.15 6.29
C TYR A 184 3.49 -2.54 7.66
N TRP A 185 4.53 -1.87 8.14
CA TRP A 185 4.47 -1.29 9.48
C TRP A 185 3.36 -0.24 9.63
N ALA A 186 3.28 0.72 8.71
CA ALA A 186 2.31 1.80 8.87
C ALA A 186 0.92 1.21 8.82
N ARG A 187 0.65 0.31 7.87
CA ARG A 187 -0.68 -0.33 7.74
C ARG A 187 -1.12 -0.95 9.06
N THR A 188 -0.22 -1.74 9.65
CA THR A 188 -0.47 -2.43 10.92
C THR A 188 0.76 -2.29 11.85
N PRO A 189 0.83 -1.20 12.66
CA PRO A 189 2.00 -0.95 13.55
C PRO A 189 2.28 -2.03 14.62
N HIS A 190 3.41 -1.93 15.29
CA HIS A 190 3.86 -2.93 16.30
C HIS A 190 3.00 -2.98 17.55
N VAL A 191 2.27 -1.91 17.83
CA VAL A 191 1.29 -1.91 18.92
C VAL A 191 0.01 -1.40 18.28
N GLN A 192 -1.14 -1.88 18.77
CA GLN A 192 -2.42 -1.46 18.19
C GLN A 192 -2.71 -0.03 18.62
N ASN A 193 -3.25 0.75 17.69
CA ASN A 193 -3.58 2.17 17.91
C ASN A 193 -2.35 3.07 18.04
N TYR A 194 -1.19 2.60 17.58
CA TYR A 194 0.04 3.36 17.66
C TYR A 194 -0.10 4.76 17.10
N ASN A 195 0.39 5.75 17.85
CA ASN A 195 0.45 7.13 17.39
C ASN A 195 1.71 7.77 17.94
N ALA A 196 2.19 8.81 17.25
CA ALA A 196 3.32 9.62 17.65
C ALA A 196 2.98 11.04 17.23
N ARG A 197 3.49 12.03 17.96
CA ARG A 197 3.26 13.44 17.64
C ARG A 197 3.70 13.71 16.21
N TYR A 198 4.89 13.24 15.88
CA TYR A 198 5.39 13.31 14.52
C TYR A 198 6.53 12.33 14.46
N GLY A 199 7.06 12.12 13.26
CA GLY A 199 8.18 11.22 13.03
C GLY A 199 9.34 11.87 12.30
N ILE A 200 10.55 11.36 12.53
CA ILE A 200 11.73 11.83 11.81
C ILE A 200 12.37 10.60 11.17
N LEU A 201 12.49 10.63 9.85
CA LEU A 201 13.14 9.59 9.10
C LEU A 201 14.53 10.08 8.74
N LEU A 202 15.54 9.23 8.98
CA LEU A 202 16.94 9.51 8.61
C LEU A 202 17.29 8.59 7.44
N ASP A 203 17.64 9.16 6.29
CA ASP A 203 18.02 8.38 5.09
C ASP A 203 19.23 9.03 4.40
N MSE A 204 20.40 8.37 4.43
CA MSE A 204 21.65 8.87 3.82
C MSE A 204 22.09 10.18 4.45
O MSE A 204 22.03 11.27 3.84
CB MSE A 204 21.51 8.93 2.28
CG MSE A 204 21.36 7.54 1.67
SE MSE A 204 20.96 7.75 -0.22
CE MSE A 204 19.08 8.27 -0.01
N VAL A 205 22.46 10.04 5.73
CA VAL A 205 22.76 11.18 6.60
C VAL A 205 24.22 11.23 7.09
N GLY A 206 25.10 10.53 6.40
CA GLY A 206 26.50 10.48 6.76
C GLY A 206 27.51 11.07 5.79
N GLY A 207 27.09 11.48 4.59
CA GLY A 207 28.05 11.94 3.59
C GLY A 207 28.74 13.25 3.87
N LYS A 208 30.02 13.37 3.49
CA LYS A 208 30.79 14.62 3.70
C LYS A 208 30.10 15.79 2.99
N ASP A 209 29.90 16.86 3.72
CA ASP A 209 29.22 18.08 3.24
C ASP A 209 27.79 17.83 2.70
N ALA A 210 27.07 16.88 3.31
CA ALA A 210 25.73 16.57 2.90
C ALA A 210 24.88 17.82 3.10
N THR A 211 23.81 17.92 2.32
CA THR A 211 22.89 19.03 2.41
C THR A 211 21.48 18.46 2.42
N PHE A 212 20.80 18.68 3.54
CA PHE A 212 19.44 18.24 3.77
C PHE A 212 18.52 19.41 3.47
N TYR A 213 17.82 19.30 2.35
CA TYR A 213 16.89 20.31 1.92
C TYR A 213 15.51 19.99 2.44
N TYR A 214 14.59 20.97 2.35
CA TYR A 214 13.19 20.67 2.69
C TYR A 214 12.74 19.70 1.62
N GLU A 215 12.51 18.45 2.04
CA GLU A 215 12.07 17.40 1.12
C GLU A 215 10.61 17.64 0.79
N GLY A 216 10.28 17.45 -0.50
CA GLY A 216 8.95 17.77 -1.02
C GLY A 216 7.74 17.24 -0.28
N TYR A 217 7.67 15.93 -0.06
CA TYR A 217 6.53 15.33 0.65
C TYR A 217 6.46 15.83 2.09
N SER A 218 7.60 15.83 2.78
CA SER A 218 7.68 16.35 4.14
C SER A 218 7.16 17.81 4.23
N ALA A 219 7.51 18.63 3.23
CA ALA A 219 7.15 20.04 3.17
C ALA A 219 5.68 20.30 2.89
N ARG A 220 4.91 19.31 2.44
CA ARG A 220 3.46 19.50 2.30
C ARG A 220 2.65 18.72 3.33
N THR A 221 3.26 17.77 4.01
CA THR A 221 2.60 16.96 5.01
C THR A 221 3.10 17.22 6.45
N ALA A 222 4.28 17.84 6.57
CA ALA A 222 4.90 18.07 7.87
C ALA A 222 5.77 19.35 7.93
N ARG A 223 5.27 20.50 7.43
CA ARG A 223 6.08 21.73 7.40
C ARG A 223 6.51 22.18 8.76
N SER A 224 5.53 22.33 9.64
CA SER A 224 5.72 22.77 11.01
C SER A 224 6.86 22.00 11.68
N GLU A 225 6.78 20.70 11.59
CA GLU A 225 7.79 19.82 12.18
C GLU A 225 9.12 19.94 11.46
N MSE A 226 9.10 19.97 10.15
CA MSE A 226 10.34 20.11 9.38
C MSE A 226 11.04 21.45 9.67
O MSE A 226 12.24 21.50 9.98
CB MSE A 226 10.00 19.99 7.91
CG MSE A 226 11.13 20.00 6.95
SE MSE A 226 10.37 20.20 5.20
CE MSE A 226 9.51 21.97 5.38
N LYS A 227 10.28 22.55 9.62
CA LYS A 227 10.82 23.89 9.86
C LYS A 227 11.44 23.97 11.26
N LYS A 228 10.85 23.25 12.21
CA LYS A 228 11.33 23.20 13.60
C LYS A 228 12.71 22.58 13.69
N ILE A 229 12.86 21.46 13.00
CA ILE A 229 14.09 20.72 12.95
C ILE A 229 15.20 21.54 12.26
N TRP A 230 14.86 22.18 11.14
CA TRP A 230 15.84 23.00 10.43
C TRP A 230 16.21 24.24 11.25
N LYS A 231 15.24 24.77 11.99
CA LYS A 231 15.44 25.88 12.93
C LYS A 231 16.48 25.52 13.96
N LYS A 232 16.33 24.35 14.57
CA LYS A 232 17.26 23.93 15.62
C LYS A 232 18.66 23.73 15.09
N ALA A 233 18.76 23.16 13.91
CA ALA A 233 20.05 22.91 13.28
C ALA A 233 20.82 24.23 13.13
N HIS A 234 20.14 25.25 12.65
CA HIS A 234 20.75 26.58 12.48
C HIS A 234 21.19 27.20 13.79
N GLU A 235 20.31 27.15 14.80
N GLU A 235 20.33 27.16 14.82
CA GLU A 235 20.62 27.61 16.14
CA GLU A 235 20.71 27.73 16.12
C GLU A 235 21.84 26.94 16.77
C GLU A 235 21.87 26.94 16.79
N LEU A 236 22.03 25.66 16.46
CA LEU A 236 23.17 24.86 16.98
C LEU A 236 24.44 25.08 16.16
N GLY A 237 24.35 25.74 15.01
CA GLY A 237 25.51 25.99 14.16
C GLY A 237 25.69 24.99 13.01
N TYR A 238 24.69 24.15 12.75
CA TYR A 238 24.71 23.19 11.66
C TYR A 238 23.93 23.62 10.41
N GLY A 239 23.72 24.91 10.20
CA GLY A 239 22.98 25.44 9.04
C GLY A 239 23.55 25.07 7.67
N LYS A 240 24.87 24.84 7.61
CA LYS A 240 25.56 24.36 6.40
C LYS A 240 24.93 23.07 5.88
N TYR A 241 24.49 22.24 6.81
CA TYR A 241 23.92 20.95 6.52
C TYR A 241 22.42 21.01 6.27
N PHE A 242 21.70 21.86 7.00
CA PHE A 242 20.24 21.96 6.89
C PHE A 242 19.83 23.20 6.13
N VAL A 243 19.76 23.05 4.81
CA VAL A 243 19.42 24.14 3.89
C VAL A 243 17.91 24.36 3.88
N LYS A 244 17.47 25.56 4.29
CA LYS A 244 16.06 25.88 4.35
C LYS A 244 15.57 26.27 2.98
N GLU A 245 15.55 25.31 2.07
CA GLU A 245 15.10 25.54 0.70
C GLU A 245 14.43 24.26 0.24
N ASP A 246 13.44 24.40 -0.63
CA ASP A 246 12.74 23.23 -1.17
C ASP A 246 13.73 22.45 -2.02
N GLY A 247 13.89 21.18 -1.72
CA GLY A 247 14.78 20.33 -2.48
C GLY A 247 13.93 19.49 -3.41
N GLY A 248 14.22 18.20 -3.47
CA GLY A 248 13.46 17.29 -4.31
C GLY A 248 12.40 16.57 -3.50
N GLU A 249 11.49 15.90 -4.21
CA GLU A 249 10.46 15.09 -3.59
C GLU A 249 10.88 13.64 -3.81
N THR A 250 10.90 12.86 -2.74
CA THR A 250 11.40 11.52 -2.83
C THR A 250 10.44 10.49 -2.25
N VAL A 251 10.33 9.35 -2.93
CA VAL A 251 9.56 8.23 -2.42
C VAL A 251 10.40 7.65 -1.31
N ASP A 252 9.86 7.57 -0.09
CA ASP A 252 10.64 7.07 1.05
C ASP A 252 9.67 6.60 2.14
N ASP A 253 10.18 6.00 3.21
CA ASP A 253 9.33 5.40 4.24
C ASP A 253 8.35 6.39 4.90
N HIS A 254 8.74 7.66 4.98
CA HIS A 254 7.91 8.69 5.61
C HIS A 254 6.56 8.87 4.90
N ILE A 255 6.50 8.62 3.59
CA ILE A 255 5.25 8.70 2.85
C ILE A 255 4.26 7.71 3.42
N TYR A 256 4.71 6.48 3.67
CA TYR A 256 3.79 5.45 4.21
C TYR A 256 3.45 5.71 5.69
N VAL A 257 4.47 5.88 6.55
CA VAL A 257 4.23 6.28 7.97
C VAL A 257 3.09 7.27 8.08
N ASN A 258 3.19 8.34 7.31
CA ASN A 258 2.14 9.35 7.29
C ASN A 258 0.76 8.87 6.80
N LYS A 259 0.72 7.84 5.96
CA LYS A 259 -0.54 7.39 5.39
C LYS A 259 -1.17 6.20 6.08
N LEU A 260 -0.48 5.08 6.12
CA LEU A 260 -1.06 3.91 6.76
C LEU A 260 -1.16 4.11 8.32
N ALA A 261 -0.23 4.90 8.90
CA ALA A 261 -0.20 5.14 10.35
C ALA A 261 -0.63 6.54 10.81
N ARG A 262 -0.81 7.47 9.85
CA ARG A 262 -1.05 8.94 10.00
C ARG A 262 -0.40 9.88 10.94
N ILE A 263 0.92 9.86 10.83
CA ILE A 263 1.83 10.62 11.64
C ILE A 263 2.57 11.50 10.66
N PRO A 264 2.48 12.84 10.79
CA PRO A 264 3.34 13.59 9.88
C PRO A 264 4.80 13.14 10.09
N CYS A 265 5.53 12.97 9.01
CA CYS A 265 6.84 12.42 9.14
C CYS A 265 7.80 13.13 8.22
N VAL A 266 8.90 13.61 8.81
CA VAL A 266 9.90 14.40 8.11
C VAL A 266 11.06 13.53 7.64
N ASP A 267 11.38 13.60 6.35
CA ASP A 267 12.53 12.91 5.82
C ASP A 267 13.76 13.83 5.82
N ILE A 268 14.82 13.44 6.56
CA ILE A 268 16.12 14.12 6.56
C ILE A 268 16.94 13.25 5.62
N ILE A 269 17.16 13.74 4.39
CA ILE A 269 17.75 12.97 3.30
C ILE A 269 18.68 13.85 2.48
N ASN A 270 19.90 13.36 2.21
CA ASN A 270 20.83 14.12 1.41
C ASN A 270 20.30 14.38 -0.01
N TYR A 271 20.39 15.63 -0.48
CA TYR A 271 20.00 16.09 -1.79
C TYR A 271 21.16 16.86 -2.42
N ASP A 272 21.60 16.41 -3.60
CA ASP A 272 22.73 17.03 -4.32
C ASP A 272 22.36 18.37 -4.92
N ASN A 293 33.11 8.41 1.68
CA ASN A 293 31.87 9.17 1.84
C ASN A 293 31.50 9.50 3.30
N ILE A 294 31.45 8.50 4.23
CA ILE A 294 30.95 8.74 5.64
C ILE A 294 31.84 9.71 6.46
N ASP A 295 31.20 10.73 7.01
CA ASP A 295 31.92 11.84 7.65
C ASP A 295 31.40 12.09 9.04
N ARG A 296 32.29 12.13 10.01
CA ARG A 296 31.86 12.35 11.41
C ARG A 296 31.18 13.70 11.67
N ASN A 297 31.62 14.77 10.99
CA ASN A 297 30.98 16.08 11.14
C ASN A 297 29.49 16.06 10.68
N THR A 298 29.23 15.32 9.61
CA THR A 298 27.88 15.21 9.07
C THR A 298 27.03 14.44 10.07
N LEU A 299 27.55 13.33 10.58
CA LEU A 299 26.83 12.55 11.59
C LEU A 299 26.48 13.38 12.84
N LYS A 300 27.44 14.20 13.28
CA LYS A 300 27.28 15.00 14.44
C LYS A 300 26.16 16.04 14.21
N ALA A 301 26.17 16.67 13.03
CA ALA A 301 25.16 17.67 12.72
C ALA A 301 23.77 17.07 12.73
N VAL A 302 23.62 15.89 12.16
CA VAL A 302 22.31 15.24 12.11
C VAL A 302 21.89 14.74 13.47
N GLY A 303 22.77 14.00 14.10
CA GLY A 303 22.48 13.38 15.38
C GLY A 303 22.20 14.43 16.45
N GLN A 304 23.03 15.46 16.54
CA GLN A 304 22.81 16.46 17.60
C GLN A 304 21.52 17.25 17.40
N THR A 305 21.23 17.56 16.13
CA THR A 305 20.01 18.32 15.79
C THR A 305 18.80 17.49 16.21
N VAL A 306 18.80 16.19 15.89
CA VAL A 306 17.70 15.32 16.27
C VAL A 306 17.54 15.26 17.79
N MSE A 307 18.63 15.19 18.52
CA MSE A 307 18.51 15.15 19.98
C MSE A 307 18.00 16.47 20.56
O MSE A 307 17.09 16.46 21.39
CB MSE A 307 19.80 14.74 20.62
CG MSE A 307 20.21 13.45 20.05
SE MSE A 307 21.38 12.60 21.16
CE MSE A 307 19.97 11.72 22.05
N ASP A 308 18.54 17.60 20.11
CA ASP A 308 18.07 18.89 20.64
C ASP A 308 16.60 19.13 20.27
N VAL A 309 16.17 18.62 19.10
CA VAL A 309 14.78 18.72 18.73
C VAL A 309 13.95 17.86 19.68
N ILE A 310 14.31 16.58 19.83
CA ILE A 310 13.46 15.67 20.62
C ILE A 310 13.51 15.94 22.10
N TYR A 311 14.65 16.36 22.64
CA TYR A 311 14.74 16.70 24.06
C TYR A 311 13.93 17.97 24.45
N ASN A 312 13.64 18.83 23.46
N ASN A 312 13.60 18.83 23.49
CA ASN A 312 12.81 20.03 23.63
CA ASN A 312 12.77 20.02 23.75
C ASN A 312 11.28 19.76 23.65
C ASN A 312 11.25 19.80 23.53
N GLU A 313 10.85 18.54 23.30
CA GLU A 313 9.42 18.21 23.21
C GLU A 313 8.80 18.06 24.60
N LYS A 314 7.67 18.72 24.84
CA LYS A 314 7.00 18.71 26.15
C LYS A 314 5.53 18.33 26.02
N GLU B 17 -18.05 -33.58 -16.43
CA GLU B 17 -19.00 -33.00 -17.41
C GLU B 17 -19.16 -31.48 -17.20
N VAL B 18 -19.03 -30.72 -18.29
CA VAL B 18 -19.15 -29.26 -18.26
C VAL B 18 -20.61 -28.84 -18.12
N ILE B 19 -20.87 -27.93 -17.15
CA ILE B 19 -22.15 -27.27 -16.84
C ILE B 19 -22.29 -26.10 -17.79
N LYS B 20 -23.48 -25.87 -18.32
CA LYS B 20 -23.71 -24.69 -19.15
C LYS B 20 -24.40 -23.65 -18.25
N ALA B 21 -23.79 -22.49 -18.18
CA ALA B 21 -24.31 -21.49 -17.34
C ALA B 21 -25.58 -20.90 -18.01
N PRO B 22 -26.44 -20.30 -17.22
CA PRO B 22 -27.57 -19.55 -17.74
C PRO B 22 -27.09 -18.38 -18.59
N GLU B 23 -27.98 -17.82 -19.37
CA GLU B 23 -27.61 -16.75 -20.30
C GLU B 23 -27.49 -15.38 -19.63
N PHE B 24 -26.29 -14.82 -19.73
CA PHE B 24 -26.04 -13.47 -19.32
C PHE B 24 -26.87 -12.53 -20.23
N ASP B 25 -27.67 -11.64 -19.64
CA ASP B 25 -28.45 -10.73 -20.51
C ASP B 25 -27.69 -9.41 -20.70
N ALA B 26 -27.15 -9.22 -21.94
CA ALA B 26 -26.38 -8.06 -22.22
C ALA B 26 -27.22 -6.76 -22.23
N ASP B 27 -28.51 -6.86 -22.51
CA ASP B 27 -29.38 -5.70 -22.58
C ASP B 27 -29.53 -5.14 -21.20
N SER B 28 -29.64 -6.03 -20.21
N SER B 28 -29.63 -6.03 -20.22
CA SER B 28 -29.73 -5.65 -18.81
CA SER B 28 -29.73 -5.73 -18.80
C SER B 28 -28.42 -5.01 -18.33
C SER B 28 -28.43 -5.06 -18.30
N ALA B 29 -27.28 -5.65 -18.62
CA ALA B 29 -25.99 -5.06 -18.32
C ALA B 29 -25.81 -3.67 -18.85
N TYR B 30 -26.15 -3.53 -20.14
CA TYR B 30 -26.08 -2.23 -20.76
C TYR B 30 -26.91 -1.20 -19.98
N GLN B 31 -28.12 -1.55 -19.54
CA GLN B 31 -28.93 -0.58 -18.80
C GLN B 31 -28.29 -0.22 -17.47
N TYR B 32 -27.67 -1.17 -16.79
CA TYR B 32 -26.98 -0.87 -15.49
C TYR B 32 -25.82 0.08 -15.73
N ILE B 33 -25.18 0.03 -16.90
CA ILE B 33 -24.07 0.93 -17.19
C ILE B 33 -24.70 2.33 -17.43
N GLN B 34 -25.82 2.38 -18.16
CA GLN B 34 -26.49 3.63 -18.43
C GLN B 34 -26.98 4.31 -17.15
N VAL B 35 -27.52 3.55 -16.19
CA VAL B 35 -27.99 4.16 -14.96
C VAL B 35 -26.81 4.83 -14.21
N GLN B 36 -25.69 4.11 -14.09
CA GLN B 36 -24.49 4.68 -13.51
C GLN B 36 -24.09 5.97 -14.19
N ALA B 37 -24.03 5.97 -15.55
CA ALA B 37 -23.60 7.08 -16.34
C ALA B 37 -24.52 8.25 -16.19
N ASP B 38 -25.82 7.97 -15.96
CA ASP B 38 -26.84 9.01 -15.79
C ASP B 38 -26.68 9.79 -14.47
N PHE B 39 -25.90 9.32 -13.48
CA PHE B 39 -25.61 10.16 -12.33
C PHE B 39 -24.61 11.32 -12.66
N GLY B 40 -23.94 11.28 -13.83
CA GLY B 40 -22.78 12.13 -14.12
C GLY B 40 -21.53 11.35 -13.63
N PRO B 41 -20.32 11.86 -13.89
CA PRO B 41 -19.07 11.19 -13.47
C PRO B 41 -19.06 10.95 -11.98
N ARG B 42 -18.77 9.71 -11.59
CA ARG B 42 -18.76 9.34 -10.17
C ARG B 42 -17.39 9.70 -9.57
N VAL B 43 -17.07 10.99 -9.60
CA VAL B 43 -15.81 11.49 -9.09
C VAL B 43 -15.92 11.44 -7.59
N PRO B 44 -14.87 11.01 -6.89
CA PRO B 44 -14.94 11.02 -5.41
C PRO B 44 -15.32 12.38 -4.84
N ASN B 45 -15.97 12.35 -3.67
CA ASN B 45 -16.51 13.50 -2.96
C ASN B 45 -17.58 14.31 -3.72
N THR B 46 -18.30 13.70 -4.67
CA THR B 46 -19.36 14.41 -5.40
C THR B 46 -20.74 13.78 -5.13
N GLN B 47 -21.80 14.52 -5.38
N GLN B 47 -21.81 14.54 -5.36
CA GLN B 47 -23.16 13.99 -5.20
CA GLN B 47 -23.18 14.00 -5.18
C GLN B 47 -23.40 12.80 -6.15
C GLN B 47 -23.46 12.83 -6.16
N ALA B 48 -22.86 12.86 -7.37
CA ALA B 48 -22.97 11.79 -8.37
C ALA B 48 -22.42 10.47 -7.82
N HIS B 49 -21.24 10.56 -7.19
CA HIS B 49 -20.61 9.45 -6.56
C HIS B 49 -21.48 8.91 -5.42
N LYS B 50 -21.97 9.78 -4.56
CA LYS B 50 -22.79 9.34 -3.42
C LYS B 50 -24.08 8.61 -3.87
N GLU B 51 -24.80 9.22 -4.81
CA GLU B 51 -26.04 8.66 -5.32
C GLU B 51 -25.77 7.35 -6.05
N CYS B 52 -24.71 7.28 -6.84
CA CYS B 52 -24.41 6.05 -7.56
C CYS B 52 -24.08 4.91 -6.56
N GLY B 53 -23.36 5.23 -5.50
CA GLY B 53 -23.02 4.25 -4.46
C GLY B 53 -24.28 3.65 -3.84
N GLU B 54 -25.25 4.52 -3.61
CA GLU B 54 -26.51 4.07 -3.04
C GLU B 54 -27.25 3.15 -4.03
N TYR B 55 -27.15 3.47 -5.33
CA TYR B 55 -27.78 2.69 -6.36
C TYR B 55 -27.14 1.28 -6.43
N LEU B 56 -25.82 1.21 -6.42
CA LEU B 56 -25.11 -0.06 -6.53
C LEU B 56 -25.38 -0.95 -5.32
N ALA B 57 -25.27 -0.40 -4.12
CA ALA B 57 -25.55 -1.23 -2.90
C ALA B 57 -27.00 -1.78 -2.93
N GLY B 58 -27.93 -0.93 -3.33
CA GLY B 58 -29.35 -1.26 -3.46
C GLY B 58 -29.65 -2.32 -4.47
N GLN B 59 -28.93 -2.27 -5.59
CA GLN B 59 -29.10 -3.27 -6.65
C GLN B 59 -28.60 -4.64 -6.20
N LEU B 60 -27.44 -4.67 -5.54
CA LEU B 60 -26.93 -5.93 -4.97
C LEU B 60 -27.93 -6.49 -3.98
N GLU B 61 -28.50 -5.63 -3.13
CA GLU B 61 -29.52 -6.07 -2.15
C GLU B 61 -30.75 -6.65 -2.85
N LYS B 62 -31.24 -5.93 -3.87
CA LYS B 62 -32.38 -6.37 -4.68
C LYS B 62 -32.13 -7.74 -5.29
N PHE B 63 -30.90 -8.00 -5.69
CA PHE B 63 -30.52 -9.30 -6.26
C PHE B 63 -30.07 -10.33 -5.23
N GLY B 64 -30.46 -10.20 -3.96
CA GLY B 64 -30.21 -11.25 -3.04
C GLY B 64 -28.85 -11.33 -2.38
N ALA B 65 -27.94 -10.38 -2.64
CA ALA B 65 -26.63 -10.41 -1.97
C ALA B 65 -26.71 -9.97 -0.53
N LYS B 66 -25.86 -10.53 0.33
CA LYS B 66 -25.66 -10.00 1.65
C LYS B 66 -24.64 -8.87 1.39
N VAL B 67 -25.08 -7.65 1.62
CA VAL B 67 -24.26 -6.44 1.36
C VAL B 67 -23.44 -5.92 2.54
N TYR B 68 -22.17 -5.62 2.27
CA TYR B 68 -21.26 -5.07 3.25
C TYR B 68 -20.76 -3.77 2.59
N ASN B 69 -20.58 -2.75 3.44
CA ASN B 69 -20.04 -1.45 3.04
C ASN B 69 -18.78 -1.18 3.83
N GLN B 70 -17.73 -0.68 3.18
CA GLN B 70 -16.51 -0.24 3.87
C GLN B 70 -16.39 1.24 3.61
N TYR B 71 -16.94 2.01 4.51
CA TYR B 71 -16.76 3.45 4.51
C TYR B 71 -15.40 3.76 5.14
N ALA B 72 -14.52 4.45 4.42
CA ALA B 72 -13.21 4.83 4.95
C ALA B 72 -12.75 6.18 4.34
N ASP B 73 -12.00 6.95 5.11
CA ASP B 73 -11.38 8.22 4.69
C ASP B 73 -10.03 7.85 4.13
N LEU B 74 -9.87 7.92 2.83
CA LEU B 74 -8.64 7.54 2.19
C LEU B 74 -7.94 8.80 1.62
N ILE B 75 -6.68 9.00 1.97
CA ILE B 75 -5.95 10.19 1.57
C ILE B 75 -5.35 10.01 0.16
N ALA B 76 -5.79 10.85 -0.78
CA ALA B 76 -5.23 10.84 -2.13
C ALA B 76 -3.84 11.45 -2.10
N TYR B 77 -3.17 11.36 -3.24
CA TYR B 77 -1.82 11.90 -3.45
C TYR B 77 -1.68 13.36 -3.09
N ASP B 78 -2.67 14.17 -3.47
CA ASP B 78 -2.63 15.60 -3.25
C ASP B 78 -3.21 16.04 -1.94
N GLY B 79 -3.50 15.11 -1.04
CA GLY B 79 -4.03 15.51 0.27
C GLY B 79 -5.54 15.40 0.40
N THR B 80 -6.23 15.17 -0.71
CA THR B 80 -7.67 15.11 -0.66
C THR B 80 -8.10 13.91 0.17
N ILE B 81 -8.99 14.14 1.13
CA ILE B 81 -9.59 13.08 1.94
C ILE B 81 -10.81 12.58 1.19
N LEU B 82 -10.68 11.41 0.54
CA LEU B 82 -11.78 10.79 -0.20
C LEU B 82 -12.71 10.06 0.73
N LYS B 83 -13.98 10.48 0.76
CA LYS B 83 -15.00 9.82 1.60
C LYS B 83 -15.37 8.60 0.78
N SER B 84 -14.65 7.50 1.06
N SER B 84 -14.69 7.50 1.06
CA SER B 84 -14.68 6.27 0.27
CA SER B 84 -14.83 6.33 0.19
C SER B 84 -15.72 5.25 0.72
C SER B 84 -15.76 5.29 0.71
N ARG B 85 -16.20 4.46 -0.22
CA ARG B 85 -17.15 3.39 0.06
C ARG B 85 -16.94 2.20 -0.85
N ASN B 86 -16.30 1.15 -0.33
CA ASN B 86 -16.22 -0.12 -1.08
C ASN B 86 -17.56 -0.80 -0.78
N ILE B 87 -18.11 -1.51 -1.77
CA ILE B 87 -19.40 -2.17 -1.63
C ILE B 87 -19.22 -3.65 -2.02
N ILE B 88 -19.62 -4.54 -1.13
CA ILE B 88 -19.44 -5.95 -1.33
C ILE B 88 -20.80 -6.66 -1.25
N GLY B 89 -21.06 -7.55 -2.22
CA GLY B 89 -22.27 -8.37 -2.23
C GLY B 89 -21.84 -9.83 -2.21
N ALA B 90 -22.21 -10.54 -1.15
CA ALA B 90 -21.82 -11.97 -1.00
C ALA B 90 -22.98 -12.94 -1.21
N TYR B 91 -22.71 -14.02 -1.94
CA TYR B 91 -23.69 -15.09 -2.19
C TYR B 91 -23.17 -16.35 -1.51
N LYS B 92 -24.05 -17.13 -0.84
CA LYS B 92 -23.69 -18.29 -0.01
C LYS B 92 -22.63 -17.87 0.98
N PRO B 93 -22.96 -16.91 1.89
CA PRO B 93 -21.91 -16.37 2.77
C PRO B 93 -21.24 -17.37 3.67
N GLU B 94 -21.87 -18.51 3.92
CA GLU B 94 -21.28 -19.55 4.77
C GLU B 94 -20.28 -20.46 4.03
N SER B 95 -20.19 -20.36 2.71
CA SER B 95 -19.31 -21.22 1.93
C SER B 95 -17.87 -20.81 2.07
N LYS B 96 -17.02 -21.77 2.40
CA LYS B 96 -15.57 -21.54 2.43
C LYS B 96 -14.92 -21.61 1.07
N LYS B 97 -15.60 -22.14 0.07
CA LYS B 97 -15.11 -22.18 -1.31
C LYS B 97 -15.78 -21.06 -2.05
N ARG B 98 -14.99 -20.09 -2.49
CA ARG B 98 -15.51 -18.85 -3.12
C ARG B 98 -14.72 -18.40 -4.32
N ILE B 99 -15.37 -17.58 -5.16
CA ILE B 99 -14.78 -16.90 -6.30
C ILE B 99 -15.07 -15.42 -6.06
N LEU B 100 -14.02 -14.60 -6.14
CA LEU B 100 -14.13 -13.16 -6.03
C LEU B 100 -14.30 -12.57 -7.42
N LEU B 101 -15.31 -11.68 -7.62
CA LEU B 101 -15.50 -10.97 -8.90
C LEU B 101 -15.45 -9.47 -8.57
N CYS B 102 -14.68 -8.66 -9.28
CA CYS B 102 -14.55 -7.26 -8.87
C CYS B 102 -14.37 -6.29 -9.94
N ALA B 103 -14.55 -5.02 -9.59
CA ALA B 103 -14.52 -3.91 -10.54
C ALA B 103 -14.42 -2.67 -9.68
N HIS B 104 -13.87 -1.61 -10.23
CA HIS B 104 -13.91 -0.32 -9.56
C HIS B 104 -15.10 0.47 -10.03
N TRP B 105 -15.66 1.32 -9.14
CA TRP B 105 -16.91 2.04 -9.53
C TRP B 105 -16.80 3.56 -9.64
N ASP B 106 -15.67 4.13 -9.23
CA ASP B 106 -15.50 5.59 -9.29
C ASP B 106 -15.06 5.99 -10.70
N SER B 107 -15.10 7.28 -10.97
CA SER B 107 -14.71 7.87 -12.27
C SER B 107 -13.51 8.79 -12.07
N ARG B 108 -12.68 8.87 -13.10
CA ARG B 108 -11.49 9.74 -13.14
C ARG B 108 -11.94 11.19 -13.10
N PRO B 109 -11.26 12.04 -12.29
CA PRO B 109 -11.58 13.45 -12.41
C PRO B 109 -10.90 14.00 -13.65
N GLY B 130 -14.76 2.07 -15.43
CA GLY B 130 -15.48 1.80 -14.18
C GLY B 130 -16.86 1.11 -14.27
N ALA B 131 -17.76 1.86 -14.91
CA ALA B 131 -19.13 1.49 -15.07
C ALA B 131 -19.27 0.15 -15.81
N SER B 132 -18.44 -0.13 -16.81
CA SER B 132 -18.65 -1.37 -17.61
C SER B 132 -18.50 -2.64 -16.78
N GLY B 133 -17.41 -2.70 -15.98
CA GLY B 133 -17.13 -3.84 -15.14
C GLY B 133 -18.22 -4.01 -14.10
N VAL B 134 -18.63 -2.87 -13.49
CA VAL B 134 -19.71 -2.90 -12.50
C VAL B 134 -21.02 -3.43 -13.11
N GLY B 135 -21.37 -2.91 -14.29
CA GLY B 135 -22.61 -3.37 -14.91
C GLY B 135 -22.65 -4.84 -15.24
N VAL B 136 -21.53 -5.38 -15.74
CA VAL B 136 -21.46 -6.83 -16.01
C VAL B 136 -21.67 -7.59 -14.73
N LEU B 137 -21.05 -7.10 -13.67
CA LEU B 137 -21.13 -7.78 -12.36
C LEU B 137 -22.56 -7.72 -11.78
N LEU B 138 -23.24 -6.60 -11.88
CA LEU B 138 -24.63 -6.54 -11.43
C LEU B 138 -25.50 -7.56 -12.19
N GLU B 139 -25.33 -7.70 -13.51
CA GLU B 139 -26.12 -8.67 -14.27
C GLU B 139 -25.77 -10.10 -13.86
N ILE B 140 -24.47 -10.34 -13.59
CA ILE B 140 -24.08 -11.63 -13.04
C ILE B 140 -24.76 -11.88 -11.69
N ALA B 141 -24.80 -10.85 -10.83
CA ALA B 141 -25.52 -10.93 -9.54
C ALA B 141 -27.01 -11.31 -9.74
N ARG B 142 -27.64 -10.71 -10.74
CA ARG B 142 -29.05 -11.00 -11.08
C ARG B 142 -29.20 -12.47 -11.46
N GLN B 143 -28.25 -13.00 -12.24
CA GLN B 143 -28.32 -14.39 -12.71
C GLN B 143 -28.05 -15.40 -11.55
N ILE B 144 -27.07 -15.07 -10.69
N ILE B 144 -27.10 -15.06 -10.68
CA ILE B 144 -26.69 -15.89 -9.54
CA ILE B 144 -26.73 -15.88 -9.52
C ILE B 144 -27.89 -16.07 -8.61
C ILE B 144 -27.92 -16.08 -8.62
N GLN B 145 -28.72 -15.03 -8.47
CA GLN B 145 -29.90 -15.12 -7.62
C GLN B 145 -30.90 -16.09 -8.21
N LYS B 146 -31.03 -16.12 -9.54
CA LYS B 146 -31.98 -17.07 -10.19
C LYS B 146 -31.52 -18.53 -10.15
N GLU B 147 -30.22 -18.73 -10.38
CA GLU B 147 -29.60 -20.05 -10.39
C GLU B 147 -28.19 -19.95 -9.76
N GLN B 148 -28.07 -20.45 -8.53
CA GLN B 148 -26.89 -20.25 -7.73
C GLN B 148 -25.80 -21.20 -8.15
N PRO B 149 -24.60 -20.68 -8.36
CA PRO B 149 -23.48 -21.56 -8.64
C PRO B 149 -23.13 -22.38 -7.46
N ALA B 150 -22.35 -23.45 -7.64
CA ALA B 150 -21.97 -24.23 -6.47
C ALA B 150 -21.19 -23.41 -5.46
N LEU B 151 -20.19 -22.65 -5.91
CA LEU B 151 -19.35 -21.92 -4.98
C LEU B 151 -20.03 -20.65 -4.48
N GLY B 152 -19.58 -20.16 -3.34
CA GLY B 152 -19.92 -18.80 -2.93
C GLY B 152 -19.30 -17.84 -3.93
N ILE B 153 -19.94 -16.70 -4.13
CA ILE B 153 -19.45 -15.70 -5.07
C ILE B 153 -19.50 -14.37 -4.35
N ASP B 154 -18.40 -13.62 -4.41
CA ASP B 154 -18.44 -12.23 -3.92
C ASP B 154 -18.28 -11.27 -5.07
N ILE B 155 -19.12 -10.25 -5.12
CA ILE B 155 -19.06 -9.17 -6.07
C ILE B 155 -18.60 -7.96 -5.26
N VAL B 156 -17.40 -7.48 -5.54
CA VAL B 156 -16.78 -6.36 -4.84
C VAL B 156 -16.58 -5.17 -5.74
N PHE B 157 -17.16 -4.05 -5.34
CA PHE B 157 -17.01 -2.80 -6.10
C PHE B 157 -16.02 -1.91 -5.34
N PHE B 158 -14.81 -1.77 -5.87
CA PHE B 158 -13.80 -0.96 -5.23
C PHE B 158 -13.99 0.53 -5.53
N ASP B 159 -13.81 1.35 -4.50
CA ASP B 159 -13.85 2.81 -4.69
C ASP B 159 -12.43 3.39 -4.79
N SER B 160 -12.32 4.70 -5.07
CA SER B 160 -11.05 5.45 -4.93
C SER B 160 -9.85 4.85 -5.67
N GLU B 161 -10.10 4.51 -6.91
CA GLU B 161 -9.20 3.74 -7.75
C GLU B 161 -8.55 4.55 -8.76
N ASP B 162 -9.33 5.44 -9.36
CA ASP B 162 -8.90 6.20 -10.56
C ASP B 162 -8.53 7.66 -10.32
N TYR B 163 -8.16 7.97 -9.07
CA TYR B 163 -7.78 9.29 -8.64
C TYR B 163 -6.24 9.28 -8.70
N GLY B 164 -5.67 10.40 -9.15
CA GLY B 164 -4.23 10.56 -9.27
C GLY B 164 -3.59 9.73 -10.35
N THR B 177 -1.11 6.07 -4.68
CA THR B 177 -1.88 7.02 -5.47
C THR B 177 -3.14 6.33 -6.04
N TRP B 178 -2.89 5.27 -6.79
CA TRP B 178 -3.87 4.48 -7.44
C TRP B 178 -4.39 3.38 -6.48
N CYS B 179 -5.57 2.89 -6.75
CA CYS B 179 -6.13 1.72 -6.07
C CYS B 179 -6.21 1.81 -4.57
N LEU B 180 -6.75 2.91 -4.08
CA LEU B 180 -6.85 3.15 -2.62
C LEU B 180 -7.93 2.27 -1.97
N GLY B 181 -9.03 2.07 -2.67
CA GLY B 181 -10.13 1.22 -2.23
C GLY B 181 -9.74 -0.24 -2.16
N SER B 182 -9.07 -0.76 -3.20
CA SER B 182 -8.63 -2.17 -3.15
C SER B 182 -7.52 -2.37 -2.13
N GLN B 183 -6.63 -1.39 -1.95
CA GLN B 183 -5.59 -1.50 -0.89
C GLN B 183 -6.27 -1.52 0.47
N TYR B 184 -7.30 -0.70 0.68
CA TYR B 184 -8.03 -0.74 1.98
C TYR B 184 -8.67 -2.12 2.25
N TRP B 185 -9.49 -2.54 1.29
CA TRP B 185 -10.19 -3.85 1.35
C TRP B 185 -9.25 -5.00 1.54
N ALA B 186 -8.23 -5.08 0.67
CA ALA B 186 -7.29 -6.20 0.69
C ALA B 186 -6.59 -6.32 2.03
N ARG B 187 -6.23 -5.20 2.66
CA ARG B 187 -5.59 -5.24 4.00
C ARG B 187 -6.59 -5.60 5.08
N THR B 188 -7.82 -5.16 4.94
CA THR B 188 -8.83 -5.44 5.97
C THR B 188 -10.15 -5.73 5.27
N PRO B 189 -10.35 -6.99 4.86
CA PRO B 189 -11.59 -7.28 4.08
C PRO B 189 -12.87 -7.20 4.91
N HIS B 190 -14.00 -7.29 4.24
CA HIS B 190 -15.29 -7.16 4.86
C HIS B 190 -15.64 -8.23 5.93
N VAL B 191 -15.01 -9.40 5.89
CA VAL B 191 -15.18 -10.41 6.96
C VAL B 191 -13.79 -10.85 7.40
N GLN B 192 -13.66 -11.31 8.65
CA GLN B 192 -12.40 -11.84 9.12
C GLN B 192 -11.98 -13.10 8.33
N ASN B 193 -10.67 -13.23 8.15
CA ASN B 193 -9.93 -14.24 7.30
C ASN B 193 -10.68 -14.66 6.02
N TYR B 194 -10.90 -13.64 5.23
CA TYR B 194 -11.56 -13.77 3.98
C TYR B 194 -10.63 -14.51 3.01
N ASN B 195 -11.16 -15.49 2.29
CA ASN B 195 -10.41 -16.11 1.23
C ASN B 195 -11.29 -16.48 0.05
N ALA B 196 -10.70 -16.49 -1.14
CA ALA B 196 -11.36 -16.94 -2.38
C ALA B 196 -10.31 -17.76 -3.14
N ARG B 197 -10.75 -18.75 -3.89
CA ARG B 197 -9.90 -19.60 -4.72
C ARG B 197 -9.10 -18.73 -5.71
N TYR B 198 -9.77 -17.75 -6.31
CA TYR B 198 -9.16 -16.76 -7.18
C TYR B 198 -10.17 -15.64 -7.40
N GLY B 199 -9.66 -14.58 -8.02
CA GLY B 199 -10.45 -13.38 -8.35
C GLY B 199 -10.40 -13.07 -9.80
N ILE B 200 -11.46 -12.43 -10.29
CA ILE B 200 -11.54 -11.93 -11.63
C ILE B 200 -11.92 -10.44 -11.53
N LEU B 201 -11.05 -9.58 -12.08
CA LEU B 201 -11.28 -8.12 -12.17
C LEU B 201 -11.69 -7.78 -13.56
N LEU B 202 -12.76 -7.01 -13.68
CA LEU B 202 -13.24 -6.51 -14.93
C LEU B 202 -12.96 -5.03 -14.96
N ASP B 203 -12.20 -4.57 -15.96
CA ASP B 203 -11.89 -3.16 -16.07
C ASP B 203 -11.97 -2.81 -17.55
N MSE B 204 -12.89 -1.92 -17.93
CA MSE B 204 -13.04 -1.47 -19.34
C MSE B 204 -13.33 -2.70 -20.21
O MSE B 204 -12.51 -3.12 -21.07
CB MSE B 204 -11.80 -0.65 -19.73
CG MSE B 204 -11.80 0.65 -19.02
SE MSE B 204 -10.19 1.64 -19.51
CE MSE B 204 -8.94 0.82 -18.22
N VAL B 205 -14.54 -3.23 -20.03
CA VAL B 205 -14.97 -4.46 -20.70
C VAL B 205 -16.16 -4.26 -21.67
N GLY B 206 -16.43 -3.03 -22.02
CA GLY B 206 -17.56 -2.73 -22.94
C GLY B 206 -17.30 -2.24 -24.34
N GLY B 207 -16.07 -1.92 -24.71
CA GLY B 207 -15.78 -1.40 -26.01
C GLY B 207 -16.13 -2.32 -27.16
N LYS B 208 -16.68 -1.72 -28.22
CA LYS B 208 -16.92 -2.45 -29.43
C LYS B 208 -15.56 -3.03 -29.94
N ASP B 209 -15.59 -4.26 -30.39
CA ASP B 209 -14.39 -4.99 -30.81
C ASP B 209 -13.22 -4.92 -29.82
N ALA B 210 -13.51 -4.90 -28.51
CA ALA B 210 -12.49 -4.92 -27.48
C ALA B 210 -11.67 -6.18 -27.64
N THR B 211 -10.43 -6.13 -27.18
CA THR B 211 -9.55 -7.29 -27.18
C THR B 211 -8.87 -7.36 -25.81
N PHE B 212 -9.09 -8.50 -25.12
CA PHE B 212 -8.60 -8.73 -23.79
C PHE B 212 -7.43 -9.71 -23.96
N TYR B 213 -6.24 -9.16 -23.76
CA TYR B 213 -5.01 -9.89 -23.85
C TYR B 213 -4.63 -10.47 -22.52
N TYR B 214 -3.63 -11.34 -22.54
CA TYR B 214 -3.05 -11.84 -21.33
C TYR B 214 -2.34 -10.65 -20.70
N GLU B 215 -2.87 -10.13 -19.61
CA GLU B 215 -2.31 -8.95 -18.92
C GLU B 215 -1.08 -9.38 -18.11
N GLY B 216 -0.02 -8.59 -18.16
CA GLY B 216 1.27 -8.93 -17.57
C GLY B 216 1.34 -9.46 -16.15
N TYR B 217 0.75 -8.71 -15.24
CA TYR B 217 0.72 -9.07 -13.85
C TYR B 217 -0.10 -10.36 -13.64
N SER B 218 -1.22 -10.45 -14.34
CA SER B 218 -2.07 -11.64 -14.28
C SER B 218 -1.29 -12.87 -14.78
N ALA B 219 -0.51 -12.69 -15.84
CA ALA B 219 0.24 -13.78 -16.48
C ALA B 219 1.31 -14.36 -15.59
N ARG B 220 1.89 -13.58 -14.67
N ARG B 220 1.86 -13.55 -14.68
CA ARG B 220 2.92 -14.17 -13.78
CA ARG B 220 2.93 -14.02 -13.78
C ARG B 220 2.45 -14.48 -12.35
C ARG B 220 2.48 -14.36 -12.33
N THR B 221 1.22 -14.09 -12.00
CA THR B 221 0.68 -14.40 -10.65
C THR B 221 -0.58 -15.30 -10.67
N ALA B 222 -1.28 -15.37 -11.79
CA ALA B 222 -2.52 -16.12 -11.86
C ALA B 222 -2.63 -16.71 -13.28
N ARG B 223 -1.54 -17.30 -13.77
N ARG B 223 -1.55 -17.32 -13.75
CA ARG B 223 -1.50 -17.81 -15.16
CA ARG B 223 -1.49 -17.82 -15.12
C ARG B 223 -2.50 -18.95 -15.40
C ARG B 223 -2.50 -18.91 -15.37
N SER B 224 -2.62 -19.84 -14.42
CA SER B 224 -3.51 -20.98 -14.57
C SER B 224 -4.96 -20.55 -14.75
N GLU B 225 -5.34 -19.62 -13.88
CA GLU B 225 -6.69 -19.11 -13.85
C GLU B 225 -7.00 -18.31 -15.12
N MSE B 226 -6.07 -17.46 -15.51
CA MSE B 226 -6.19 -16.66 -16.73
C MSE B 226 -6.37 -17.58 -17.94
O MSE B 226 -7.25 -17.37 -18.79
CB MSE B 226 -4.94 -15.83 -16.89
CG MSE B 226 -4.92 -14.83 -18.04
SE MSE B 226 -3.16 -14.03 -18.21
CE MSE B 226 -2.13 -15.55 -18.95
N LYS B 227 -5.51 -18.57 -18.05
CA LYS B 227 -5.62 -19.52 -19.17
C LYS B 227 -7.00 -20.22 -19.24
N LYS B 228 -7.49 -20.62 -18.09
CA LYS B 228 -8.80 -21.22 -17.92
C LYS B 228 -9.93 -20.33 -18.46
N ILE B 229 -9.84 -19.05 -18.14
CA ILE B 229 -10.85 -18.10 -18.52
C ILE B 229 -10.80 -17.91 -20.04
N TRP B 230 -9.61 -17.70 -20.58
CA TRP B 230 -9.43 -17.52 -22.03
C TRP B 230 -9.86 -18.78 -22.82
N LYS B 231 -9.59 -19.95 -22.25
CA LYS B 231 -9.96 -21.23 -22.85
C LYS B 231 -11.48 -21.32 -22.93
N LYS B 232 -12.18 -21.02 -21.83
CA LYS B 232 -13.64 -21.02 -21.87
C LYS B 232 -14.18 -20.05 -22.96
N ALA B 233 -13.62 -18.85 -23.05
CA ALA B 233 -14.10 -17.87 -24.00
C ALA B 233 -13.99 -18.42 -25.42
N HIS B 234 -12.88 -19.07 -25.70
CA HIS B 234 -12.66 -19.65 -27.01
C HIS B 234 -13.68 -20.73 -27.30
N GLU B 235 -13.90 -21.61 -26.33
CA GLU B 235 -14.82 -22.72 -26.50
C GLU B 235 -16.25 -22.20 -26.70
N LEU B 236 -16.60 -21.10 -26.07
CA LEU B 236 -17.93 -20.51 -26.21
C LEU B 236 -18.13 -19.70 -27.48
N GLY B 237 -17.07 -19.48 -28.25
CA GLY B 237 -17.15 -18.71 -29.46
C GLY B 237 -16.73 -17.25 -29.34
N TYR B 238 -16.16 -16.85 -28.21
CA TYR B 238 -15.70 -15.47 -27.96
C TYR B 238 -14.17 -15.25 -28.15
N GLY B 239 -13.53 -16.14 -28.89
CA GLY B 239 -12.08 -16.08 -29.20
C GLY B 239 -11.57 -14.73 -29.73
N LYS B 240 -12.40 -14.05 -30.53
CA LYS B 240 -12.08 -12.72 -31.06
C LYS B 240 -11.82 -11.73 -29.94
N TYR B 241 -12.52 -11.87 -28.81
CA TYR B 241 -12.32 -10.95 -27.73
C TYR B 241 -11.17 -11.32 -26.77
N PHE B 242 -10.98 -12.63 -26.53
CA PHE B 242 -10.03 -13.14 -25.58
C PHE B 242 -8.81 -13.67 -26.33
N VAL B 243 -7.83 -12.78 -26.52
CA VAL B 243 -6.66 -13.02 -27.36
C VAL B 243 -5.59 -13.66 -26.46
N LYS B 244 -5.18 -14.85 -26.81
CA LYS B 244 -4.20 -15.61 -26.01
C LYS B 244 -2.77 -15.15 -26.28
N GLU B 245 -2.48 -13.87 -26.19
CA GLU B 245 -1.15 -13.32 -26.39
C GLU B 245 -0.88 -12.36 -25.27
N ASP B 246 0.39 -12.05 -25.04
CA ASP B 246 0.78 -11.14 -23.98
C ASP B 246 0.46 -9.73 -24.40
N GLY B 247 -0.23 -9.01 -23.54
CA GLY B 247 -0.60 -7.62 -23.79
C GLY B 247 0.25 -6.76 -22.90
N GLY B 248 -0.31 -5.67 -22.41
CA GLY B 248 0.45 -4.81 -21.54
C GLY B 248 0.40 -5.28 -20.09
N GLU B 249 1.13 -4.58 -19.24
CA GLU B 249 1.05 -4.76 -17.81
C GLU B 249 0.44 -3.45 -17.35
N THR B 250 -0.58 -3.51 -16.51
N THR B 250 -0.58 -3.50 -16.51
CA THR B 250 -1.29 -2.33 -16.03
CA THR B 250 -1.25 -2.31 -16.00
C THR B 250 -1.23 -2.28 -14.52
C THR B 250 -1.46 -2.38 -14.53
N VAL B 251 -1.38 -1.08 -13.96
N VAL B 251 -1.10 -1.31 -13.84
CA VAL B 251 -1.50 -0.92 -12.52
CA VAL B 251 -1.36 -1.25 -12.41
C VAL B 251 -2.98 -1.07 -12.36
C VAL B 251 -2.87 -1.12 -12.32
N ASP B 252 -3.46 -1.98 -11.52
CA ASP B 252 -4.91 -2.10 -11.38
C ASP B 252 -5.19 -2.83 -10.06
N ASP B 253 -6.44 -2.92 -9.68
CA ASP B 253 -6.85 -3.43 -8.36
C ASP B 253 -6.38 -4.87 -8.05
N HIS B 254 -6.22 -5.70 -9.09
CA HIS B 254 -5.83 -7.10 -8.96
C HIS B 254 -4.43 -7.25 -8.36
N ILE B 255 -3.54 -6.27 -8.58
CA ILE B 255 -2.23 -6.33 -7.93
C ILE B 255 -2.39 -6.34 -6.41
N TYR B 256 -3.28 -5.53 -5.90
CA TYR B 256 -3.46 -5.39 -4.45
C TYR B 256 -4.25 -6.55 -3.82
N VAL B 257 -5.16 -7.13 -4.60
CA VAL B 257 -5.89 -8.32 -4.23
C VAL B 257 -4.86 -9.43 -4.09
N ASN B 258 -3.95 -9.55 -5.07
CA ASN B 258 -2.95 -10.60 -5.01
C ASN B 258 -1.92 -10.36 -3.91
N LYS B 259 -1.24 -9.23 -3.95
CA LYS B 259 -0.17 -8.96 -2.96
C LYS B 259 -0.65 -8.83 -1.52
N LEU B 260 -1.77 -8.16 -1.24
CA LEU B 260 -2.22 -7.95 0.16
C LEU B 260 -3.22 -8.98 0.67
N ALA B 261 -4.15 -9.42 -0.17
CA ALA B 261 -5.16 -10.42 0.22
C ALA B 261 -4.69 -11.82 -0.08
N ARG B 262 -3.57 -11.98 -0.82
CA ARG B 262 -3.00 -13.30 -1.14
C ARG B 262 -3.98 -14.18 -1.96
N ILE B 263 -4.76 -13.52 -2.82
CA ILE B 263 -5.69 -14.16 -3.76
C ILE B 263 -5.18 -13.94 -5.20
N PRO B 264 -4.88 -15.01 -5.95
CA PRO B 264 -4.51 -14.76 -7.35
C PRO B 264 -5.72 -14.13 -8.04
N CYS B 265 -5.47 -13.13 -8.87
CA CYS B 265 -6.50 -12.31 -9.47
C CYS B 265 -6.16 -11.94 -10.91
N VAL B 266 -7.05 -12.32 -11.83
CA VAL B 266 -6.91 -12.07 -13.25
C VAL B 266 -7.60 -10.80 -13.62
N ASP B 267 -6.93 -9.94 -14.39
CA ASP B 267 -7.52 -8.70 -14.85
C ASP B 267 -7.96 -8.90 -16.31
N ILE B 268 -9.25 -8.68 -16.55
CA ILE B 268 -9.84 -8.68 -17.92
C ILE B 268 -9.98 -7.23 -18.24
N ILE B 269 -9.13 -6.73 -19.12
CA ILE B 269 -9.04 -5.30 -19.43
C ILE B 269 -8.72 -5.09 -20.88
N ASN B 270 -9.43 -4.16 -21.52
CA ASN B 270 -9.22 -3.93 -22.96
C ASN B 270 -7.80 -3.46 -23.20
N TYR B 271 -7.18 -3.98 -24.25
CA TYR B 271 -5.83 -3.60 -24.63
C TYR B 271 -5.80 -3.26 -26.11
N ASP B 272 -5.43 -2.02 -26.48
CA ASP B 272 -5.19 -1.60 -27.89
C ASP B 272 -3.69 -1.33 -28.14
N ASN B 293 -20.01 4.33 -27.16
CA ASN B 293 -19.10 3.20 -27.47
C ASN B 293 -19.25 1.88 -26.64
N ILE B 294 -20.15 1.80 -25.67
CA ILE B 294 -20.44 0.54 -24.95
C ILE B 294 -21.20 -0.37 -25.95
N ASP B 295 -20.75 -1.61 -26.11
CA ASP B 295 -21.33 -2.52 -27.03
C ASP B 295 -21.84 -3.75 -26.31
N ARG B 296 -23.10 -4.08 -26.57
CA ARG B 296 -23.77 -5.25 -26.03
C ARG B 296 -23.09 -6.57 -26.41
N ASN B 297 -22.49 -6.67 -27.61
CA ASN B 297 -21.83 -7.92 -27.96
C ASN B 297 -20.56 -8.14 -27.17
N THR B 298 -19.81 -7.06 -26.84
CA THR B 298 -18.65 -7.20 -25.94
C THR B 298 -19.09 -7.55 -24.55
N LEU B 299 -20.11 -6.86 -24.09
CA LEU B 299 -20.61 -7.17 -22.76
C LEU B 299 -21.03 -8.68 -22.64
N LYS B 300 -21.72 -9.18 -23.65
CA LYS B 300 -22.19 -10.57 -23.69
C LYS B 300 -20.99 -11.52 -23.60
N ALA B 301 -20.00 -11.27 -24.44
CA ALA B 301 -18.79 -12.08 -24.44
C ALA B 301 -18.11 -12.18 -23.07
N VAL B 302 -17.91 -11.05 -22.42
CA VAL B 302 -17.27 -11.01 -21.13
C VAL B 302 -18.17 -11.59 -20.06
N GLY B 303 -19.44 -11.20 -20.04
CA GLY B 303 -20.33 -11.71 -18.98
C GLY B 303 -20.58 -13.22 -19.14
N GLN B 304 -20.78 -13.69 -20.37
CA GLN B 304 -21.06 -15.13 -20.52
C GLN B 304 -19.82 -15.97 -20.18
N THR B 305 -18.63 -15.49 -20.56
CA THR B 305 -17.40 -16.18 -20.28
C THR B 305 -17.19 -16.31 -18.78
N VAL B 306 -17.43 -15.20 -18.09
CA VAL B 306 -17.30 -15.20 -16.60
C VAL B 306 -18.30 -16.13 -15.97
N MSE B 307 -19.54 -16.09 -16.44
CA MSE B 307 -20.53 -16.99 -15.89
C MSE B 307 -20.19 -18.48 -16.15
O MSE B 307 -20.26 -19.30 -15.25
CB MSE B 307 -21.93 -16.63 -16.38
CG MSE B 307 -22.49 -15.54 -15.39
SE MSE B 307 -24.07 -15.05 -15.97
CE MSE B 307 -25.17 -16.73 -15.61
N ASP B 308 -19.81 -18.83 -17.37
CA ASP B 308 -19.48 -20.23 -17.59
C ASP B 308 -18.29 -20.70 -16.80
N VAL B 309 -17.33 -19.80 -16.55
CA VAL B 309 -16.21 -20.17 -15.72
C VAL B 309 -16.69 -20.42 -14.26
N ILE B 310 -17.42 -19.50 -13.69
CA ILE B 310 -17.72 -19.64 -12.25
C ILE B 310 -18.74 -20.75 -11.99
N TYR B 311 -19.65 -21.00 -12.91
CA TYR B 311 -20.65 -22.05 -12.70
C TYR B 311 -19.99 -23.43 -12.81
N ASN B 312 -18.82 -23.54 -13.48
CA ASN B 312 -18.08 -24.80 -13.61
C ASN B 312 -17.08 -25.11 -12.49
N GLU B 313 -16.87 -24.16 -11.56
CA GLU B 313 -16.05 -24.39 -10.38
C GLU B 313 -16.79 -25.33 -9.42
N LYS B 314 -16.06 -26.30 -8.85
CA LYS B 314 -16.60 -27.31 -7.93
C LYS B 314 -15.76 -27.37 -6.65
C ACT C . 17.14 -13.04 6.57
O ACT C . 17.66 -12.13 7.22
OXT ACT C . 16.18 -13.65 7.12
CH3 ACT C . 17.63 -13.38 5.21
C1 EDO D . 32.74 15.68 15.00
O1 EDO D . 31.89 15.74 16.16
C2 EDO D . 34.15 15.18 15.33
O2 EDO D . 34.16 13.80 15.78
C ACT E . -19.57 10.37 -1.44
O ACT E . -20.22 10.67 -0.41
OXT ACT E . -19.69 9.19 -1.88
CH3 ACT E . -18.70 11.36 -2.12
#